data_1U32
#
_entry.id   1U32
#
_cell.length_a   98.759
_cell.length_b   98.759
_cell.length_c   62.180
_cell.angle_alpha   90.00
_cell.angle_beta   90.00
_cell.angle_gamma   90.00
#
_symmetry.space_group_name_H-M   'P 42 21 2'
#
loop_
_entity.id
_entity.type
_entity.pdbx_description
1 polymer 'Serine/threonine protein phosphatase PP1-gamma catalytic subunit'
2 non-polymer 'MANGANESE (II) ION'
3 non-polymer 'OKADAIC ACID'
4 non-polymer BETA-MERCAPTOETHANOL
5 water water
#
_entity_poly.entity_id   1
_entity_poly.type   'polypeptide(L)'
_entity_poly.pdbx_seq_one_letter_code
;KLNIDSIIQRLLEVRGSKPGKNVQLQENEIRGLCLKSREIFLSQPILLELEAPLKICGDIHGQYYDLLRLFEYGGFPPES
NYLFLGDYVDRGKQSLETICLLLAYKIKYPENFFLLRGNHECASINRIYGFYDECKRRYNIKLWKTFTDCFNCLPIAAIV
DEKIFCCHGGLSPDLQSMEQIRRIMRPTDVPDQGLLCDLLWSDPDKDVLGWGENDRGVSFTFGAEVVAKFLHKHDLDLIC
RAHQVVEDGYEFFAKRQLVTLFSAPNYLDVYNNAGAMMSVDETLMCSFQILKP
;
_entity_poly.pdbx_strand_id   A
#
# COMPACT_ATOMS: atom_id res chain seq x y z
N LYS A 1 7.86 -6.96 25.05
CA LYS A 1 8.06 -8.44 25.15
C LYS A 1 8.27 -9.05 23.77
N LEU A 2 7.67 -8.40 22.77
CA LEU A 2 7.77 -8.86 21.38
C LEU A 2 9.20 -8.71 20.89
N ASN A 3 9.82 -9.82 20.48
CA ASN A 3 11.20 -9.77 19.99
C ASN A 3 11.22 -9.45 18.50
N ILE A 4 11.10 -8.16 18.19
CA ILE A 4 11.08 -7.69 16.81
C ILE A 4 12.32 -8.08 16.01
N ASP A 5 13.49 -7.95 16.62
CA ASP A 5 14.74 -8.26 15.93
C ASP A 5 14.84 -9.73 15.52
N SER A 6 14.29 -10.62 16.34
CA SER A 6 14.31 -12.04 16.05
C SER A 6 13.33 -12.36 14.92
N ILE A 7 12.17 -11.71 14.96
CA ILE A 7 11.15 -11.90 13.93
C ILE A 7 11.69 -11.45 12.57
N ILE A 8 12.30 -10.27 12.55
CA ILE A 8 12.89 -9.73 11.32
C ILE A 8 13.93 -10.73 10.83
N GLN A 9 14.82 -11.10 11.74
CA GLN A 9 15.90 -12.03 11.43
C GLN A 9 15.38 -13.28 10.74
N ARG A 10 14.37 -13.92 11.34
CA ARG A 10 13.80 -15.11 10.75
C ARG A 10 13.12 -14.81 9.42
N LEU A 11 12.44 -13.68 9.35
CA LEU A 11 11.77 -13.33 8.09
C LEU A 11 12.79 -13.10 6.97
N LEU A 12 13.92 -12.47 7.29
CA LEU A 12 14.94 -12.21 6.28
C LEU A 12 15.86 -13.40 6.03
N GLU A 13 15.84 -14.36 6.93
CA GLU A 13 16.68 -15.55 6.82
C GLU A 13 16.48 -16.28 5.49
N VAL A 14 15.32 -16.10 4.86
CA VAL A 14 15.04 -16.75 3.60
C VAL A 14 15.48 -16.00 2.35
N ARG A 15 16.06 -14.81 2.49
CA ARG A 15 16.49 -14.12 1.29
C ARG A 15 17.69 -14.91 0.78
N GLY A 16 17.55 -15.50 -0.40
CA GLY A 16 18.62 -16.30 -0.94
C GLY A 16 18.18 -17.75 -0.99
N SER A 17 17.07 -18.05 -0.33
CA SER A 17 16.52 -19.41 -0.32
C SER A 17 15.70 -19.57 -1.59
N LYS A 18 15.22 -20.77 -1.84
CA LYS A 18 14.41 -21.04 -3.03
C LYS A 18 13.10 -20.27 -2.92
N PRO A 19 12.79 -19.43 -3.92
CA PRO A 19 11.55 -18.66 -3.91
C PRO A 19 10.37 -19.54 -3.53
N GLY A 20 9.58 -19.07 -2.56
CA GLY A 20 8.43 -19.85 -2.12
C GLY A 20 8.65 -20.46 -0.76
N LYS A 21 9.89 -20.45 -0.27
CA LYS A 21 10.15 -21.03 1.05
C LYS A 21 9.44 -20.22 2.11
N ASN A 22 8.61 -20.90 2.89
CA ASN A 22 7.85 -20.25 3.96
C ASN A 22 8.66 -19.95 5.21
N VAL A 23 8.20 -18.95 5.96
CA VAL A 23 8.77 -18.55 7.22
C VAL A 23 7.55 -18.65 8.14
N GLN A 24 7.56 -19.61 9.05
CA GLN A 24 6.41 -19.82 9.94
C GLN A 24 6.64 -19.26 11.34
N LEU A 25 6.25 -18.00 11.54
CA LEU A 25 6.38 -17.35 12.83
C LEU A 25 5.33 -17.97 13.76
N GLN A 26 5.50 -17.76 15.06
CA GLN A 26 4.55 -18.29 16.04
C GLN A 26 3.30 -17.43 16.03
N GLU A 27 2.17 -18.01 16.42
CA GLU A 27 0.92 -17.26 16.44
C GLU A 27 1.01 -16.02 17.33
N ASN A 28 1.62 -16.16 18.51
CA ASN A 28 1.73 -15.05 19.43
C ASN A 28 2.55 -13.89 18.86
N GLU A 29 3.56 -14.22 18.05
CA GLU A 29 4.40 -13.21 17.44
C GLU A 29 3.60 -12.42 16.40
N ILE A 30 2.85 -13.12 15.56
CA ILE A 30 2.05 -12.44 14.54
C ILE A 30 0.98 -11.56 15.19
N ARG A 31 0.34 -12.06 16.23
CA ARG A 31 -0.68 -11.26 16.91
C ARG A 31 -0.03 -10.01 17.51
N GLY A 32 1.20 -10.17 18.03
CA GLY A 32 1.90 -9.03 18.60
C GLY A 32 2.20 -7.98 17.53
N LEU A 33 2.66 -8.43 16.38
CA LEU A 33 2.95 -7.51 15.28
C LEU A 33 1.68 -6.71 14.96
N CYS A 34 0.54 -7.40 14.92
CA CYS A 34 -0.72 -6.72 14.63
C CYS A 34 -1.11 -5.70 15.71
N LEU A 35 -1.09 -6.13 16.96
CA LEU A 35 -1.46 -5.26 18.07
C LEU A 35 -0.52 -4.08 18.27
N LYS A 36 0.78 -4.29 18.11
CA LYS A 36 1.74 -3.20 18.27
C LYS A 36 1.67 -2.20 17.11
N SER A 37 1.58 -2.70 15.88
CA SER A 37 1.50 -1.79 14.74
C SER A 37 0.19 -0.98 14.78
N ARG A 38 -0.89 -1.63 15.19
CA ARG A 38 -2.19 -0.97 15.29
C ARG A 38 -2.07 0.28 16.18
N GLU A 39 -1.42 0.11 17.32
CA GLU A 39 -1.21 1.18 18.27
C GLU A 39 -0.45 2.35 17.63
N ILE A 40 0.59 2.01 16.87
CA ILE A 40 1.39 3.03 16.20
C ILE A 40 0.55 3.73 15.11
N PHE A 41 -0.18 2.94 14.33
CA PHE A 41 -1.02 3.50 13.27
C PHE A 41 -1.96 4.54 13.87
N LEU A 42 -2.63 4.17 14.97
CA LEU A 42 -3.56 5.08 15.63
C LEU A 42 -2.85 6.28 16.27
N SER A 43 -1.58 6.12 16.62
CA SER A 43 -0.83 7.22 17.24
C SER A 43 -0.36 8.25 16.21
N GLN A 44 -0.38 7.89 14.93
CA GLN A 44 0.03 8.80 13.88
C GLN A 44 -1.21 9.23 13.10
N PRO A 45 -1.13 10.35 12.35
CA PRO A 45 -2.25 10.86 11.57
C PRO A 45 -2.77 9.88 10.51
N ILE A 46 -4.03 10.04 10.12
CA ILE A 46 -4.60 9.18 9.08
C ILE A 46 -4.16 9.74 7.73
N LEU A 47 -3.72 11.00 7.73
CA LEU A 47 -3.21 11.65 6.54
C LEU A 47 -1.78 12.02 6.89
N LEU A 48 -0.85 11.17 6.49
CA LEU A 48 0.57 11.38 6.80
C LEU A 48 1.21 12.54 6.05
N GLU A 49 2.09 13.24 6.74
CA GLU A 49 2.81 14.36 6.13
C GLU A 49 4.27 13.95 6.21
N LEU A 50 4.78 13.43 5.10
CA LEU A 50 6.14 12.94 5.02
C LEU A 50 7.09 13.87 4.26
N GLU A 51 8.37 13.59 4.41
CA GLU A 51 9.42 14.37 3.77
C GLU A 51 10.39 13.48 3.03
N ALA A 52 10.86 13.92 1.88
CA ALA A 52 11.82 13.15 1.11
C ALA A 52 13.12 13.21 1.92
N PRO A 53 14.10 12.32 1.65
CA PRO A 53 14.09 11.24 0.65
C PRO A 53 13.17 10.11 1.09
N LEU A 54 12.55 9.44 0.12
CA LEU A 54 11.64 8.35 0.40
C LEU A 54 11.51 7.45 -0.81
N LYS A 55 11.22 6.18 -0.56
CA LYS A 55 11.03 5.20 -1.62
C LYS A 55 9.55 4.83 -1.53
N ILE A 56 8.81 5.04 -2.62
CA ILE A 56 7.37 4.73 -2.62
C ILE A 56 7.10 3.49 -3.45
N CYS A 57 6.34 2.56 -2.88
CA CYS A 57 6.03 1.31 -3.55
C CYS A 57 4.52 1.07 -3.71
N GLY A 58 4.16 0.38 -4.78
CA GLY A 58 2.78 0.04 -5.06
C GLY A 58 2.44 -1.36 -4.59
N ASP A 59 1.37 -1.92 -5.16
CA ASP A 59 0.88 -3.26 -4.81
C ASP A 59 1.99 -4.31 -4.67
N ILE A 60 1.85 -5.19 -3.67
CA ILE A 60 2.80 -6.27 -3.43
C ILE A 60 2.06 -7.61 -3.55
N HIS A 61 0.82 -7.65 -3.10
CA HIS A 61 0.01 -8.85 -3.17
C HIS A 61 0.66 -10.18 -2.82
N GLY A 62 1.27 -10.26 -1.65
CA GLY A 62 1.86 -11.50 -1.19
C GLY A 62 3.04 -12.10 -1.94
N GLN A 63 3.64 -11.36 -2.86
CA GLN A 63 4.79 -11.86 -3.61
C GLN A 63 6.00 -11.51 -2.75
N TYR A 64 6.14 -12.26 -1.67
CA TYR A 64 7.20 -12.04 -0.69
C TYR A 64 8.62 -11.92 -1.23
N TYR A 65 9.03 -12.82 -2.11
CA TYR A 65 10.39 -12.74 -2.62
C TYR A 65 10.61 -11.51 -3.49
N ASP A 66 9.54 -10.97 -4.06
CA ASP A 66 9.64 -9.76 -4.86
C ASP A 66 9.74 -8.58 -3.89
N LEU A 67 9.14 -8.72 -2.71
CA LEU A 67 9.22 -7.67 -1.71
C LEU A 67 10.68 -7.61 -1.22
N LEU A 68 11.29 -8.79 -1.11
CA LEU A 68 12.68 -8.87 -0.68
C LEU A 68 13.57 -8.27 -1.75
N ARG A 69 13.20 -8.47 -3.01
CA ARG A 69 13.98 -7.90 -4.12
C ARG A 69 13.91 -6.38 -4.12
N LEU A 70 12.77 -5.82 -3.75
CA LEU A 70 12.61 -4.37 -3.70
C LEU A 70 13.56 -3.79 -2.67
N PHE A 71 13.55 -4.36 -1.47
CA PHE A 71 14.42 -3.90 -0.40
C PHE A 71 15.89 -4.04 -0.75
N GLU A 72 16.24 -5.12 -1.46
CA GLU A 72 17.63 -5.33 -1.82
C GLU A 72 18.06 -4.34 -2.90
N TYR A 73 17.10 -3.87 -3.69
CA TYR A 73 17.39 -2.91 -4.75
C TYR A 73 17.32 -1.48 -4.22
N GLY A 74 16.37 -1.23 -3.32
CA GLY A 74 16.22 0.11 -2.77
C GLY A 74 16.93 0.32 -1.44
N GLY A 75 17.36 -0.77 -0.81
CA GLY A 75 18.05 -0.69 0.46
C GLY A 75 17.17 -1.09 1.63
N PHE A 76 17.60 -2.10 2.38
CA PHE A 76 16.84 -2.57 3.54
C PHE A 76 16.75 -1.50 4.62
N PRO A 77 15.58 -1.35 5.24
CA PRO A 77 15.47 -0.33 6.29
C PRO A 77 16.53 -0.62 7.35
N PRO A 78 17.05 0.42 8.01
CA PRO A 78 16.71 1.84 7.85
C PRO A 78 17.56 2.59 6.82
N GLU A 79 18.21 1.86 5.91
CA GLU A 79 19.05 2.50 4.88
C GLU A 79 18.23 3.53 4.12
N SER A 80 16.98 3.17 3.82
CA SER A 80 16.07 4.05 3.11
C SER A 80 14.74 4.13 3.85
N ASN A 81 13.99 5.19 3.59
CA ASN A 81 12.68 5.38 4.20
C ASN A 81 11.69 4.87 3.16
N TYR A 82 10.61 4.25 3.60
CA TYR A 82 9.63 3.71 2.67
C TYR A 82 8.20 4.12 2.93
N LEU A 83 7.43 4.17 1.84
CA LEU A 83 6.01 4.45 1.90
C LEU A 83 5.40 3.45 0.92
N PHE A 84 4.54 2.58 1.45
CA PHE A 84 3.85 1.60 0.61
C PHE A 84 2.42 2.07 0.48
N LEU A 85 1.84 1.88 -0.70
CA LEU A 85 0.50 2.36 -0.97
C LEU A 85 -0.64 1.36 -0.80
N GLY A 86 -0.37 0.20 -0.21
CA GLY A 86 -1.45 -0.76 0.00
C GLY A 86 -1.43 -2.04 -0.81
N ASP A 87 -2.47 -2.86 -0.61
CA ASP A 87 -2.59 -4.14 -1.29
C ASP A 87 -1.39 -5.04 -1.03
N TYR A 88 -1.18 -5.34 0.23
CA TYR A 88 -0.08 -6.18 0.70
C TYR A 88 -0.44 -7.67 0.64
N VAL A 89 -1.73 -7.97 0.75
CA VAL A 89 -2.20 -9.36 0.75
C VAL A 89 -3.09 -9.72 -0.43
N ASP A 90 -3.44 -11.00 -0.51
CA ASP A 90 -4.29 -11.53 -1.57
C ASP A 90 -3.54 -11.80 -2.87
N ARG A 91 -4.01 -12.82 -3.59
CA ARG A 91 -3.46 -13.22 -4.87
C ARG A 91 -2.09 -13.89 -4.81
N GLY A 92 -1.14 -13.29 -4.11
CA GLY A 92 0.18 -13.88 -4.00
C GLY A 92 0.15 -15.16 -3.18
N LYS A 93 1.27 -15.87 -3.13
CA LYS A 93 1.34 -17.12 -2.39
C LYS A 93 1.83 -16.94 -0.96
N GLN A 94 2.40 -15.77 -0.65
CA GLN A 94 2.89 -15.53 0.69
C GLN A 94 2.50 -14.18 1.27
N SER A 95 1.20 -13.98 1.44
CA SER A 95 0.69 -12.76 2.04
C SER A 95 1.15 -12.64 3.48
N LEU A 96 1.20 -13.76 4.20
CA LEU A 96 1.61 -13.73 5.60
C LEU A 96 3.02 -13.21 5.82
N GLU A 97 4.01 -13.79 5.13
CA GLU A 97 5.38 -13.32 5.29
C GLU A 97 5.46 -11.85 4.89
N THR A 98 4.79 -11.52 3.78
CA THR A 98 4.77 -10.16 3.26
C THR A 98 4.28 -9.14 4.29
N ILE A 99 3.05 -9.33 4.76
CA ILE A 99 2.48 -8.39 5.72
C ILE A 99 3.24 -8.37 7.06
N CYS A 100 3.72 -9.53 7.51
CA CYS A 100 4.47 -9.59 8.76
C CYS A 100 5.77 -8.79 8.70
N LEU A 101 6.50 -8.91 7.60
CA LEU A 101 7.75 -8.16 7.47
C LEU A 101 7.45 -6.66 7.50
N LEU A 102 6.42 -6.26 6.77
CA LEU A 102 6.04 -4.84 6.72
C LEU A 102 5.62 -4.31 8.09
N LEU A 103 4.76 -5.04 8.78
CA LEU A 103 4.35 -4.61 10.12
C LEU A 103 5.56 -4.57 11.05
N ALA A 104 6.43 -5.57 10.90
CA ALA A 104 7.64 -5.65 11.73
C ALA A 104 8.52 -4.41 11.55
N TYR A 105 8.69 -3.98 10.30
CA TYR A 105 9.50 -2.79 10.03
C TYR A 105 8.81 -1.53 10.51
N LYS A 106 7.47 -1.51 10.46
CA LYS A 106 6.73 -0.34 10.92
C LYS A 106 6.96 -0.16 12.41
N ILE A 107 6.97 -1.27 13.14
CA ILE A 107 7.18 -1.22 14.58
C ILE A 107 8.62 -0.86 14.90
N LYS A 108 9.54 -1.40 14.11
CA LYS A 108 10.97 -1.18 14.29
C LYS A 108 11.41 0.24 13.91
N TYR A 109 10.84 0.78 12.84
CA TYR A 109 11.18 2.13 12.38
C TYR A 109 9.91 2.93 12.10
N PRO A 110 9.13 3.21 13.17
CA PRO A 110 7.87 3.96 13.10
C PRO A 110 7.91 5.35 12.46
N GLU A 111 9.09 5.97 12.43
CA GLU A 111 9.21 7.31 11.85
C GLU A 111 9.90 7.32 10.48
N ASN A 112 10.29 6.15 9.99
CA ASN A 112 10.98 6.06 8.70
C ASN A 112 10.37 5.00 7.79
N PHE A 113 9.22 4.45 8.21
CA PHE A 113 8.57 3.40 7.44
C PHE A 113 7.06 3.60 7.55
N PHE A 114 6.39 3.72 6.40
CA PHE A 114 4.95 3.94 6.41
C PHE A 114 4.17 3.05 5.46
N LEU A 115 2.96 2.69 5.89
CA LEU A 115 2.08 1.83 5.11
C LEU A 115 0.69 2.45 5.00
N LEU A 116 0.18 2.54 3.77
CA LEU A 116 -1.17 3.06 3.58
C LEU A 116 -2.08 1.86 3.39
N ARG A 117 -3.37 2.11 3.50
CA ARG A 117 -4.38 1.07 3.34
C ARG A 117 -4.79 0.94 1.87
N GLY A 118 -4.82 -0.30 1.38
CA GLY A 118 -5.26 -0.59 0.02
C GLY A 118 -6.63 -1.23 0.15
N ASN A 119 -7.36 -1.43 -0.95
CA ASN A 119 -8.69 -2.02 -0.83
C ASN A 119 -8.61 -3.48 -0.42
N HIS A 120 -7.41 -4.07 -0.52
CA HIS A 120 -7.25 -5.46 -0.10
C HIS A 120 -6.99 -5.57 1.40
N GLU A 121 -6.81 -4.43 2.05
CA GLU A 121 -6.64 -4.46 3.50
C GLU A 121 -8.05 -4.19 4.04
N CYS A 122 -8.99 -4.99 3.50
CA CYS A 122 -10.40 -4.94 3.85
C CYS A 122 -10.90 -6.37 3.99
N ALA A 123 -11.61 -6.64 5.08
CA ALA A 123 -12.12 -7.99 5.36
C ALA A 123 -12.89 -8.62 4.21
N SER A 124 -13.90 -7.91 3.70
CA SER A 124 -14.73 -8.44 2.62
C SER A 124 -13.93 -8.80 1.38
N ILE A 125 -12.81 -8.12 1.18
CA ILE A 125 -11.97 -8.38 0.01
C ILE A 125 -10.98 -9.52 0.23
N ASN A 126 -10.12 -9.40 1.25
CA ASN A 126 -9.12 -10.45 1.48
C ASN A 126 -9.74 -11.74 1.99
N ARG A 127 -11.04 -11.74 2.16
CA ARG A 127 -11.73 -12.93 2.59
C ARG A 127 -11.90 -13.84 1.37
N ILE A 128 -12.06 -13.21 0.22
CA ILE A 128 -12.28 -13.91 -1.05
C ILE A 128 -11.06 -14.15 -1.95
N TYR A 129 -10.10 -13.23 -1.93
CA TYR A 129 -8.96 -13.33 -2.82
C TYR A 129 -7.64 -13.93 -2.34
N GLY A 130 -7.70 -14.74 -1.29
CA GLY A 130 -6.48 -15.39 -0.84
C GLY A 130 -6.00 -15.32 0.60
N PHE A 131 -6.00 -14.13 1.19
CA PHE A 131 -5.50 -13.99 2.55
C PHE A 131 -6.21 -14.84 3.59
N TYR A 132 -7.54 -14.85 3.54
CA TYR A 132 -8.33 -15.65 4.48
C TYR A 132 -7.91 -17.13 4.34
N ASP A 133 -7.88 -17.62 3.10
CA ASP A 133 -7.51 -19.02 2.87
C ASP A 133 -6.09 -19.30 3.36
N GLU A 134 -5.19 -18.35 3.18
CA GLU A 134 -3.81 -18.54 3.63
C GLU A 134 -3.76 -18.64 5.15
N CYS A 135 -4.55 -17.81 5.84
CA CYS A 135 -4.59 -17.84 7.29
C CYS A 135 -5.25 -19.13 7.80
N LYS A 136 -6.30 -19.57 7.10
CA LYS A 136 -7.00 -20.78 7.48
C LYS A 136 -6.07 -21.99 7.37
N ARG A 137 -5.25 -22.00 6.33
CA ARG A 137 -4.32 -23.10 6.11
C ARG A 137 -3.15 -23.14 7.09
N ARG A 138 -2.40 -22.04 7.15
CA ARG A 138 -1.22 -21.96 8.00
C ARG A 138 -1.43 -21.61 9.47
N TYR A 139 -2.53 -20.94 9.78
CA TYR A 139 -2.82 -20.57 11.16
C TYR A 139 -4.30 -20.84 11.44
N ASN A 140 -5.10 -19.79 11.62
CA ASN A 140 -6.52 -19.94 11.88
C ASN A 140 -7.28 -18.66 11.53
N ILE A 141 -8.61 -18.75 11.52
CA ILE A 141 -9.43 -17.59 11.17
C ILE A 141 -9.40 -16.50 12.23
N LYS A 142 -9.20 -16.89 13.47
CA LYS A 142 -9.14 -15.92 14.56
C LYS A 142 -7.97 -14.98 14.32
N LEU A 143 -6.88 -15.51 13.79
CA LEU A 143 -5.71 -14.68 13.50
C LEU A 143 -6.03 -13.76 12.34
N TRP A 144 -6.82 -14.26 11.39
CA TRP A 144 -7.20 -13.46 10.23
C TRP A 144 -8.00 -12.25 10.71
N LYS A 145 -8.91 -12.47 11.67
CA LYS A 145 -9.73 -11.39 12.20
C LYS A 145 -8.86 -10.39 12.95
N THR A 146 -7.75 -10.87 13.53
CA THR A 146 -6.85 -9.98 14.25
C THR A 146 -6.18 -9.06 13.22
N PHE A 147 -5.84 -9.63 12.06
CA PHE A 147 -5.22 -8.87 10.98
C PHE A 147 -6.21 -7.79 10.53
N THR A 148 -7.47 -8.19 10.39
CA THR A 148 -8.52 -7.27 9.97
C THR A 148 -8.62 -6.09 10.92
N ASP A 149 -8.54 -6.36 12.23
CA ASP A 149 -8.62 -5.29 13.22
C ASP A 149 -7.44 -4.33 13.07
N CYS A 150 -6.30 -4.87 12.66
CA CYS A 150 -5.10 -4.06 12.45
C CYS A 150 -5.30 -3.19 11.20
N PHE A 151 -5.73 -3.83 10.11
CA PHE A 151 -5.97 -3.15 8.83
C PHE A 151 -6.95 -1.97 8.97
N ASN A 152 -8.00 -2.16 9.77
CA ASN A 152 -9.00 -1.11 9.96
C ASN A 152 -8.42 0.17 10.57
N CYS A 153 -7.16 0.12 11.00
CA CYS A 153 -6.50 1.28 11.59
C CYS A 153 -5.39 1.88 10.75
N LEU A 154 -5.15 1.34 9.56
CA LEU A 154 -4.11 1.86 8.68
C LEU A 154 -4.45 3.27 8.22
N PRO A 155 -3.43 4.13 8.00
CA PRO A 155 -3.70 5.50 7.54
C PRO A 155 -4.20 5.37 6.10
N ILE A 156 -4.82 6.43 5.57
CA ILE A 156 -5.39 6.36 4.23
C ILE A 156 -4.66 7.11 3.12
N ALA A 157 -3.90 8.14 3.49
CA ALA A 157 -3.18 8.91 2.50
C ALA A 157 -1.99 9.60 3.13
N ALA A 158 -1.13 10.14 2.27
CA ALA A 158 0.05 10.86 2.71
C ALA A 158 0.40 11.94 1.70
N ILE A 159 1.03 13.00 2.19
CA ILE A 159 1.45 14.08 1.31
C ILE A 159 2.95 14.19 1.54
N VAL A 160 3.71 14.07 0.46
CA VAL A 160 5.16 14.16 0.55
C VAL A 160 5.60 15.56 0.16
N ASP A 161 6.27 16.22 1.10
CA ASP A 161 6.78 17.58 0.90
C ASP A 161 5.74 18.56 0.34
N GLU A 162 4.52 18.46 0.84
CA GLU A 162 3.44 19.34 0.43
C GLU A 162 3.20 19.35 -1.08
N LYS A 163 3.73 18.37 -1.79
CA LYS A 163 3.57 18.38 -3.23
C LYS A 163 3.00 17.10 -3.84
N ILE A 164 3.29 15.96 -3.23
CA ILE A 164 2.80 14.69 -3.78
C ILE A 164 1.72 14.05 -2.91
N PHE A 165 0.51 13.99 -3.45
CA PHE A 165 -0.61 13.37 -2.75
C PHE A 165 -0.60 11.87 -3.05
N CYS A 166 -0.51 11.06 -2.00
CA CYS A 166 -0.47 9.61 -2.15
C CYS A 166 -1.65 8.90 -1.50
N CYS A 167 -2.20 7.93 -2.21
CA CYS A 167 -3.32 7.12 -1.70
C CYS A 167 -3.33 5.87 -2.56
N HIS A 168 -4.17 4.90 -2.22
CA HIS A 168 -4.19 3.67 -3.00
C HIS A 168 -4.95 3.77 -4.33
N GLY A 169 -6.23 4.13 -4.26
CA GLY A 169 -7.04 4.23 -5.44
C GLY A 169 -6.96 5.57 -6.14
N GLY A 170 -7.76 6.53 -5.68
CA GLY A 170 -7.72 7.84 -6.29
C GLY A 170 -8.65 8.87 -5.66
N LEU A 171 -9.12 9.81 -6.47
CA LEU A 171 -9.98 10.87 -5.98
C LEU A 171 -11.44 10.46 -5.81
N SER A 172 -12.20 11.36 -5.20
CA SER A 172 -13.62 11.14 -4.93
C SER A 172 -14.43 12.38 -5.24
N PRO A 173 -15.63 12.22 -5.80
CA PRO A 173 -16.41 13.44 -6.07
C PRO A 173 -16.77 14.13 -4.75
N ASP A 174 -16.56 13.44 -3.64
CA ASP A 174 -16.87 13.98 -2.30
C ASP A 174 -15.67 14.71 -1.66
N LEU A 175 -14.48 14.50 -2.20
CA LEU A 175 -13.29 15.11 -1.65
C LEU A 175 -13.12 16.58 -2.02
N GLN A 176 -13.43 17.46 -1.07
CA GLN A 176 -13.32 18.90 -1.28
C GLN A 176 -12.15 19.50 -0.53
N SER A 177 -11.92 19.05 0.70
CA SER A 177 -10.82 19.55 1.50
C SER A 177 -10.02 18.42 2.11
N MET A 178 -8.76 18.73 2.44
CA MET A 178 -7.86 17.76 3.04
C MET A 178 -8.36 17.46 4.45
N GLU A 179 -9.14 18.38 5.00
CA GLU A 179 -9.69 18.20 6.34
C GLU A 179 -10.62 17.00 6.40
N GLN A 180 -11.37 16.80 5.32
CA GLN A 180 -12.30 15.68 5.24
C GLN A 180 -11.59 14.36 5.50
N ILE A 181 -10.37 14.25 5.00
CA ILE A 181 -9.59 13.03 5.17
C ILE A 181 -9.13 12.95 6.62
N ARG A 182 -8.47 14.02 7.06
CA ARG A 182 -7.93 14.11 8.40
C ARG A 182 -8.96 13.82 9.49
N ARG A 183 -10.24 14.04 9.20
CA ARG A 183 -11.30 13.80 10.16
C ARG A 183 -11.89 12.38 10.18
N ILE A 184 -11.41 11.52 9.29
CA ILE A 184 -11.90 10.14 9.24
C ILE A 184 -11.48 9.43 10.52
N MET A 185 -12.43 8.78 11.19
CA MET A 185 -12.13 8.08 12.44
C MET A 185 -11.76 6.61 12.25
N ARG A 186 -10.88 6.13 13.10
CA ARG A 186 -10.43 4.73 13.07
C ARG A 186 -10.64 4.15 14.47
N PRO A 187 -10.82 2.82 14.57
CA PRO A 187 -10.83 1.87 13.46
C PRO A 187 -12.06 2.03 12.60
N THR A 188 -11.97 1.57 11.36
CA THR A 188 -13.09 1.64 10.47
C THR A 188 -13.02 0.63 9.35
N ASP A 189 -14.14 -0.02 9.11
CA ASP A 189 -14.23 -0.92 7.98
C ASP A 189 -14.89 0.13 7.08
N VAL A 190 -14.91 -0.05 5.77
CA VAL A 190 -15.54 0.97 4.95
C VAL A 190 -16.89 0.38 4.53
N PRO A 191 -17.90 0.53 5.40
CA PRO A 191 -19.26 0.02 5.17
C PRO A 191 -20.11 0.75 4.14
N ASP A 192 -19.80 2.01 3.89
CA ASP A 192 -20.61 2.79 2.95
C ASP A 192 -19.84 3.36 1.77
N GLN A 193 -20.56 3.62 0.69
CA GLN A 193 -19.97 4.23 -0.50
C GLN A 193 -19.61 5.63 -0.03
N GLY A 194 -18.77 6.31 -0.79
CA GLY A 194 -18.41 7.65 -0.38
C GLY A 194 -16.92 7.92 -0.45
N LEU A 195 -16.48 8.93 0.30
CA LEU A 195 -15.08 9.34 0.30
C LEU A 195 -14.03 8.24 0.51
N LEU A 196 -14.04 7.61 1.68
CA LEU A 196 -13.06 6.56 1.95
C LEU A 196 -13.12 5.43 0.93
N CYS A 197 -14.33 5.07 0.51
CA CYS A 197 -14.51 4.02 -0.48
C CYS A 197 -13.78 4.41 -1.78
N ASP A 198 -13.99 5.64 -2.21
CA ASP A 198 -13.36 6.14 -3.43
C ASP A 198 -11.84 6.20 -3.33
N LEU A 199 -11.31 6.65 -2.20
CA LEU A 199 -9.87 6.75 -2.01
C LEU A 199 -9.22 5.38 -2.17
N LEU A 200 -9.96 4.34 -1.79
CA LEU A 200 -9.45 2.98 -1.87
C LEU A 200 -9.72 2.26 -3.18
N TRP A 201 -10.72 2.73 -3.93
CA TRP A 201 -11.11 2.07 -5.17
C TRP A 201 -11.10 2.81 -6.50
N SER A 202 -11.20 4.13 -6.50
CA SER A 202 -11.27 4.85 -7.79
C SER A 202 -10.04 4.70 -8.69
N ASP A 203 -10.25 4.88 -9.99
CA ASP A 203 -9.19 4.80 -11.01
C ASP A 203 -9.29 5.98 -11.97
N PRO A 204 -8.14 6.40 -12.54
CA PRO A 204 -8.18 7.52 -13.48
C PRO A 204 -8.66 6.91 -14.81
N ASP A 205 -9.35 7.69 -15.63
CA ASP A 205 -9.82 7.17 -16.90
C ASP A 205 -9.51 8.18 -18.01
N LYS A 206 -8.92 7.68 -19.09
CA LYS A 206 -8.52 8.48 -20.25
C LYS A 206 -9.68 9.03 -21.08
N ASP A 207 -10.81 8.34 -21.06
CA ASP A 207 -11.96 8.75 -21.86
C ASP A 207 -12.76 9.95 -21.36
N VAL A 208 -12.91 10.10 -20.05
CA VAL A 208 -13.69 11.21 -19.50
C VAL A 208 -12.81 12.24 -18.78
N LEU A 209 -13.21 13.52 -18.84
CA LEU A 209 -12.46 14.58 -18.17
C LEU A 209 -12.95 14.72 -16.74
N GLY A 210 -14.24 14.46 -16.53
CA GLY A 210 -14.83 14.56 -15.22
C GLY A 210 -14.97 13.21 -14.55
N TRP A 211 -16.18 12.88 -14.10
CA TRP A 211 -16.43 11.61 -13.43
C TRP A 211 -17.06 10.56 -14.34
N GLY A 212 -16.55 9.34 -14.26
CA GLY A 212 -17.08 8.27 -15.09
C GLY A 212 -17.42 7.01 -14.33
N GLU A 213 -17.91 6.02 -15.05
CA GLU A 213 -18.31 4.74 -14.49
C GLU A 213 -17.12 3.79 -14.35
N ASN A 214 -17.01 3.15 -13.19
CA ASN A 214 -15.92 2.23 -12.92
C ASN A 214 -16.28 0.76 -13.18
N ASP A 215 -15.52 0.10 -14.04
CA ASP A 215 -15.77 -1.29 -14.39
C ASP A 215 -15.64 -2.25 -13.20
N ARG A 216 -15.03 -1.80 -12.11
CA ARG A 216 -14.85 -2.66 -10.95
C ARG A 216 -16.17 -2.99 -10.23
N GLY A 217 -17.20 -2.21 -10.51
CA GLY A 217 -18.49 -2.45 -9.89
C GLY A 217 -18.62 -1.69 -8.57
N VAL A 218 -17.72 -0.73 -8.38
CA VAL A 218 -17.71 0.09 -7.17
C VAL A 218 -16.95 1.37 -7.47
N SER A 219 -17.30 2.44 -6.76
CA SER A 219 -16.63 3.73 -6.92
C SER A 219 -16.80 4.32 -8.32
N PHE A 220 -15.88 5.19 -8.72
CA PHE A 220 -15.95 5.84 -10.03
C PHE A 220 -14.57 5.96 -10.66
N THR A 221 -14.52 6.60 -11.83
CA THR A 221 -13.27 6.86 -12.52
C THR A 221 -13.20 8.38 -12.56
N PHE A 222 -11.99 8.92 -12.69
CA PHE A 222 -11.83 10.37 -12.74
C PHE A 222 -10.91 10.78 -13.87
N GLY A 223 -11.23 11.91 -14.50
CA GLY A 223 -10.42 12.40 -15.61
C GLY A 223 -9.41 13.47 -15.27
N ALA A 224 -8.71 13.93 -16.30
CA ALA A 224 -7.67 14.94 -16.15
C ALA A 224 -8.14 16.26 -15.57
N GLU A 225 -9.36 16.69 -15.92
CA GLU A 225 -9.87 17.96 -15.40
C GLU A 225 -10.06 17.84 -13.89
N VAL A 226 -10.66 16.74 -13.46
CA VAL A 226 -10.89 16.52 -12.04
C VAL A 226 -9.55 16.59 -11.32
N VAL A 227 -8.54 15.92 -11.86
CA VAL A 227 -7.22 15.91 -11.27
C VAL A 227 -6.66 17.33 -11.22
N ALA A 228 -6.79 18.06 -12.33
CA ALA A 228 -6.28 19.43 -12.39
C ALA A 228 -6.89 20.31 -11.31
N LYS A 229 -8.20 20.25 -11.15
CA LYS A 229 -8.85 21.07 -10.13
C LYS A 229 -8.33 20.71 -8.74
N PHE A 230 -8.12 19.43 -8.50
CA PHE A 230 -7.63 18.94 -7.21
C PHE A 230 -6.23 19.46 -6.89
N LEU A 231 -5.31 19.25 -7.82
CA LEU A 231 -3.92 19.69 -7.63
C LEU A 231 -3.81 21.19 -7.37
N HIS A 232 -4.51 21.99 -8.14
CA HIS A 232 -4.42 23.43 -7.95
C HIS A 232 -5.06 23.88 -6.63
N LYS A 233 -6.21 23.33 -6.31
CA LYS A 233 -6.91 23.69 -5.08
C LYS A 233 -6.06 23.48 -3.84
N HIS A 234 -5.25 22.42 -3.83
CA HIS A 234 -4.43 22.12 -2.66
C HIS A 234 -2.95 22.35 -2.88
N ASP A 235 -2.63 23.09 -3.94
CA ASP A 235 -1.25 23.43 -4.29
C ASP A 235 -0.34 22.20 -4.34
N LEU A 236 -0.74 21.20 -5.11
CA LEU A 236 0.02 19.97 -5.26
C LEU A 236 0.52 19.84 -6.69
N ASP A 237 1.56 19.05 -6.89
CA ASP A 237 2.10 18.85 -8.22
C ASP A 237 1.76 17.50 -8.80
N LEU A 238 1.47 16.53 -7.95
CA LEU A 238 1.22 15.20 -8.45
C LEU A 238 0.46 14.26 -7.52
N ILE A 239 -0.20 13.29 -8.12
CA ILE A 239 -0.91 12.26 -7.38
C ILE A 239 -0.13 10.98 -7.62
N CYS A 240 0.23 10.29 -6.54
CA CYS A 240 0.95 9.02 -6.64
C CYS A 240 0.05 7.96 -6.03
N ARG A 241 -0.37 7.00 -6.84
CA ARG A 241 -1.24 5.93 -6.36
C ARG A 241 -0.80 4.59 -6.95
N ALA A 242 -1.55 3.54 -6.68
CA ALA A 242 -1.21 2.19 -7.15
C ALA A 242 -2.51 1.60 -7.68
N HIS A 243 -2.91 0.46 -7.14
CA HIS A 243 -4.21 -0.12 -7.49
C HIS A 243 -4.39 -0.76 -8.88
N GLN A 244 -3.65 -0.31 -9.89
CA GLN A 244 -3.80 -0.90 -11.23
C GLN A 244 -2.50 -1.49 -11.77
N VAL A 245 -2.58 -2.69 -12.33
CA VAL A 245 -1.39 -3.33 -12.90
C VAL A 245 -0.95 -2.58 -14.16
N VAL A 246 0.31 -2.17 -14.20
CA VAL A 246 0.86 -1.47 -15.36
C VAL A 246 2.09 -2.24 -15.85
N GLU A 247 2.26 -2.29 -17.17
CA GLU A 247 3.35 -3.01 -17.82
C GLU A 247 4.78 -2.73 -17.35
N ASP A 248 5.13 -1.44 -17.20
CA ASP A 248 6.48 -1.07 -16.79
C ASP A 248 6.65 -0.86 -15.29
N GLY A 249 5.68 -1.29 -14.50
CA GLY A 249 5.79 -1.10 -13.06
C GLY A 249 5.25 0.26 -12.65
N TYR A 250 5.43 1.24 -13.52
CA TYR A 250 4.93 2.58 -13.27
C TYR A 250 4.36 3.15 -14.57
N GLU A 251 3.43 4.08 -14.46
CA GLU A 251 2.84 4.68 -15.64
C GLU A 251 2.11 5.95 -15.26
N PHE A 252 2.25 6.97 -16.10
CA PHE A 252 1.60 8.26 -15.89
C PHE A 252 0.23 8.29 -16.53
N PHE A 253 -0.70 8.99 -15.90
CA PHE A 253 -2.05 9.13 -16.42
C PHE A 253 -2.51 10.56 -16.21
N ALA A 254 -3.64 10.92 -16.80
CA ALA A 254 -4.19 12.26 -16.65
C ALA A 254 -3.18 13.34 -17.07
N LYS A 255 -2.55 13.15 -18.22
CA LYS A 255 -1.57 14.11 -18.73
C LYS A 255 -0.45 14.37 -17.73
N ARG A 256 0.14 13.29 -17.24
CA ARG A 256 1.23 13.32 -16.28
C ARG A 256 0.97 14.07 -14.98
N GLN A 257 -0.29 14.15 -14.57
CA GLN A 257 -0.61 14.81 -13.30
C GLN A 257 -0.69 13.71 -12.24
N LEU A 258 -0.66 12.47 -12.70
CA LEU A 258 -0.75 11.31 -11.82
C LEU A 258 0.14 10.18 -12.29
N VAL A 259 0.72 9.46 -11.33
CA VAL A 259 1.56 8.32 -11.65
C VAL A 259 1.05 7.13 -10.83
N THR A 260 0.94 5.98 -11.48
CA THR A 260 0.49 4.76 -10.85
C THR A 260 1.70 3.85 -10.66
N LEU A 261 1.84 3.29 -9.46
CA LEU A 261 2.95 2.39 -9.13
C LEU A 261 2.39 1.00 -8.83
N PHE A 262 3.07 -0.01 -9.34
CA PHE A 262 2.68 -1.40 -9.10
C PHE A 262 3.99 -2.14 -8.90
N SER A 263 4.12 -2.80 -7.75
CA SER A 263 5.37 -3.47 -7.41
C SER A 263 5.36 -5.00 -7.38
N ALA A 264 4.37 -5.63 -7.99
CA ALA A 264 4.31 -7.08 -8.01
C ALA A 264 4.60 -7.59 -9.42
N PRO A 265 5.88 -7.88 -9.71
CA PRO A 265 6.26 -8.37 -11.04
C PRO A 265 5.53 -9.65 -11.42
N ASN A 266 5.20 -9.77 -12.70
CA ASN A 266 4.51 -10.95 -13.21
C ASN A 266 3.27 -11.27 -12.37
N TYR A 267 2.42 -10.27 -12.20
CA TYR A 267 1.20 -10.40 -11.42
C TYR A 267 0.44 -11.70 -11.65
N LEU A 268 0.13 -12.38 -10.55
CA LEU A 268 -0.60 -13.65 -10.59
C LEU A 268 -0.03 -14.69 -11.54
N ASP A 269 1.26 -14.56 -11.87
CA ASP A 269 1.92 -15.50 -12.78
C ASP A 269 1.36 -15.48 -14.20
N VAL A 270 0.32 -14.68 -14.44
CA VAL A 270 -0.28 -14.61 -15.76
C VAL A 270 0.26 -13.41 -16.53
N TYR A 271 0.27 -12.25 -15.89
CA TYR A 271 0.79 -11.04 -16.51
C TYR A 271 2.31 -11.17 -16.54
N ASN A 272 2.95 -10.45 -17.46
CA ASN A 272 4.41 -10.48 -17.52
C ASN A 272 4.90 -9.07 -17.28
N ASN A 273 4.15 -8.35 -16.46
CA ASN A 273 4.45 -6.98 -16.11
C ASN A 273 5.66 -6.88 -15.20
N ALA A 274 6.31 -5.72 -15.21
CA ALA A 274 7.45 -5.50 -14.36
C ALA A 274 6.92 -4.78 -13.13
N GLY A 275 7.74 -4.71 -12.09
CA GLY A 275 7.32 -4.03 -10.88
C GLY A 275 8.17 -2.80 -10.78
N ALA A 276 7.66 -1.75 -10.15
CA ALA A 276 8.45 -0.53 -10.02
C ALA A 276 8.35 0.08 -8.65
N MET A 277 9.32 0.95 -8.38
CA MET A 277 9.43 1.65 -7.12
C MET A 277 9.85 3.07 -7.47
N MET A 278 9.21 4.06 -6.90
CA MET A 278 9.56 5.45 -7.19
C MET A 278 10.33 6.10 -6.05
N SER A 279 11.53 6.57 -6.35
CA SER A 279 12.37 7.22 -5.36
C SER A 279 12.27 8.73 -5.51
N VAL A 280 12.16 9.43 -4.38
CA VAL A 280 12.05 10.88 -4.38
C VAL A 280 13.12 11.47 -3.46
N ASP A 281 13.98 12.32 -4.00
CA ASP A 281 15.05 12.94 -3.22
C ASP A 281 14.65 14.30 -2.65
N GLU A 282 15.52 14.86 -1.82
CA GLU A 282 15.27 16.15 -1.19
C GLU A 282 14.97 17.30 -2.14
N THR A 283 15.41 17.16 -3.39
CA THR A 283 15.16 18.22 -4.38
C THR A 283 13.82 17.94 -5.05
N LEU A 284 13.01 17.11 -4.40
CA LEU A 284 11.70 16.72 -4.90
C LEU A 284 11.81 16.21 -6.33
N MET A 285 12.94 15.59 -6.64
CA MET A 285 13.16 15.03 -7.96
C MET A 285 12.71 13.58 -7.94
N CYS A 286 11.85 13.20 -8.87
CA CYS A 286 11.35 11.83 -8.93
C CYS A 286 12.14 10.93 -9.85
N SER A 287 12.38 9.71 -9.39
CA SER A 287 13.12 8.71 -10.14
C SER A 287 12.46 7.33 -9.98
N PHE A 288 12.55 6.49 -11.01
CA PHE A 288 11.93 5.18 -10.97
C PHE A 288 12.94 4.03 -11.00
N GLN A 289 12.77 3.09 -10.08
CA GLN A 289 13.64 1.92 -9.99
C GLN A 289 12.76 0.74 -10.38
N ILE A 290 13.05 0.13 -11.53
CA ILE A 290 12.27 -0.99 -12.02
C ILE A 290 12.75 -2.36 -11.55
N LEU A 291 11.80 -3.27 -11.40
CA LEU A 291 12.08 -4.62 -10.96
C LEU A 291 11.49 -5.60 -11.98
N LYS A 292 12.35 -6.15 -12.82
CA LYS A 292 11.93 -7.09 -13.86
C LYS A 292 11.47 -8.40 -13.25
N PRO A 293 10.52 -9.08 -13.90
CA PRO A 293 9.98 -10.37 -13.41
C PRO A 293 11.01 -11.50 -13.47
#